data_3LW9
#
_entry.id   3LW9
#
_cell.length_a   83.682
_cell.length_b   83.682
_cell.length_c   130.389
_cell.angle_alpha   90.00
_cell.angle_beta   90.00
_cell.angle_gamma   90.00
#
_symmetry.space_group_name_H-M   'I 4'
#
loop_
_entity.id
_entity.type
_entity.pdbx_description
1 polymer 'Invasion protein invA'
2 water water
#
_entity_poly.entity_id   1
_entity_poly.type   'polypeptide(L)'
_entity_poly.pdbx_seq_one_letter_code
;ETVPLILLVPKSRREDLEKAQLAER(MSE)RSQFFIDYGVRLPEVLLRDGEGLDDNSIVLLINEIRVEQFTVYFDL
(MSE)RVVNYSDEVVSFGINPTIHQQGSSQYFWVTHEEGEKLRE(MSE)GYVLRNALDELYHCLAVTLARNVNEYFGIQE
TKH(MSE)LDQLEAKFPDLLKEVLRHAT
;
_entity_poly.pdbx_strand_id   A,B
#
# COMPACT_ATOMS: atom_id res chain seq x y z
N GLU A 1 -6.60 -19.12 -31.84
CA GLU A 1 -5.81 -19.00 -30.60
C GLU A 1 -5.75 -20.35 -29.88
N THR A 2 -4.55 -20.87 -29.66
CA THR A 2 -4.36 -22.18 -29.03
C THR A 2 -3.83 -22.10 -27.59
N VAL A 3 -3.25 -20.97 -27.20
CA VAL A 3 -2.74 -20.79 -25.84
C VAL A 3 -3.76 -20.06 -24.92
N PRO A 4 -4.13 -20.67 -23.77
CA PRO A 4 -5.12 -20.06 -22.90
C PRO A 4 -4.66 -18.77 -22.20
N LEU A 5 -5.61 -17.89 -21.91
CA LEU A 5 -5.39 -16.77 -20.99
C LEU A 5 -5.57 -17.28 -19.57
N ILE A 6 -4.68 -16.92 -18.67
CA ILE A 6 -4.80 -17.35 -17.28
C ILE A 6 -5.05 -16.14 -16.38
N LEU A 7 -6.03 -16.22 -15.50
CA LEU A 7 -6.25 -15.21 -14.50
C LEU A 7 -5.98 -15.82 -13.14
N LEU A 8 -4.92 -15.32 -12.52
CA LEU A 8 -4.64 -15.56 -11.08
C LEU A 8 -5.60 -14.70 -10.28
N VAL A 9 -6.34 -15.37 -9.40
CA VAL A 9 -7.37 -14.73 -8.61
C VAL A 9 -7.19 -15.04 -7.12
N PRO A 10 -7.83 -14.22 -6.25
CA PRO A 10 -7.63 -14.50 -4.85
C PRO A 10 -8.27 -15.80 -4.47
N LYS A 11 -7.61 -16.54 -3.59
CA LYS A 11 -8.10 -17.88 -3.27
C LYS A 11 -9.51 -17.81 -2.72
N SER A 12 -9.82 -16.78 -1.95
CA SER A 12 -11.17 -16.68 -1.38
C SER A 12 -12.24 -16.30 -2.39
N ARG A 13 -11.86 -15.84 -3.59
CA ARG A 13 -12.87 -15.42 -4.60
C ARG A 13 -13.08 -16.44 -5.72
N ARG A 14 -12.15 -17.39 -5.83
CA ARG A 14 -12.09 -18.23 -7.01
C ARG A 14 -13.40 -18.96 -7.22
N GLU A 15 -13.97 -19.55 -6.17
CA GLU A 15 -15.19 -20.33 -6.36
C GLU A 15 -16.40 -19.45 -6.77
N ASP A 16 -16.55 -18.29 -6.14
CA ASP A 16 -17.56 -17.35 -6.60
C ASP A 16 -17.41 -16.95 -8.06
N LEU A 17 -16.18 -16.71 -8.50
CA LEU A 17 -15.93 -16.35 -9.90
C LEU A 17 -16.25 -17.51 -10.87
N GLU A 18 -15.99 -18.75 -10.45
CA GLU A 18 -16.40 -19.91 -11.25
C GLU A 18 -17.93 -20.02 -11.31
N LYS A 19 -18.59 -19.86 -10.17
CA LYS A 19 -20.07 -19.94 -10.10
C LYS A 19 -20.72 -18.84 -10.94
N ALA A 20 -20.07 -17.67 -11.01
CA ALA A 20 -20.54 -16.55 -11.85
C ALA A 20 -20.18 -16.71 -13.32
N GLN A 21 -19.44 -17.76 -13.65
CA GLN A 21 -19.08 -18.14 -15.03
C GLN A 21 -18.28 -17.04 -15.71
N LEU A 22 -17.32 -16.50 -14.97
CA LEU A 22 -16.57 -15.33 -15.42
C LEU A 22 -15.95 -15.60 -16.79
N ALA A 23 -15.31 -16.76 -16.91
CA ALA A 23 -14.69 -17.14 -18.17
C ALA A 23 -15.65 -17.07 -19.36
N GLU A 24 -16.84 -17.68 -19.26
CA GLU A 24 -17.77 -17.63 -20.38
C GLU A 24 -18.27 -16.20 -20.55
N ARG A 25 -18.46 -15.45 -19.45
CA ARG A 25 -18.90 -14.05 -19.60
C ARG A 25 -17.89 -13.29 -20.47
N MSE A 26 -16.61 -13.48 -20.17
CA MSE A 26 -15.59 -12.77 -20.89
C MSE A 26 -15.46 -13.11 -22.36
O MSE A 26 -15.33 -12.23 -23.22
CB MSE A 26 -14.26 -12.96 -20.18
CG MSE A 26 -13.98 -11.68 -19.52
SE MSE A 26 -13.02 -11.76 -17.97
CE MSE A 26 -12.34 -13.42 -17.98
N ARG A 27 -15.45 -14.40 -22.64
CA ARG A 27 -15.37 -14.91 -23.97
C ARG A 27 -16.56 -14.46 -24.83
N SER A 28 -17.75 -14.52 -24.22
CA SER A 28 -18.99 -14.14 -24.90
C SER A 28 -19.03 -12.66 -25.20
N GLN A 29 -18.68 -11.83 -24.21
CA GLN A 29 -18.72 -10.40 -24.42
C GLN A 29 -17.68 -9.93 -25.43
N PHE A 30 -16.46 -10.47 -25.35
CA PHE A 30 -15.41 -10.06 -26.28
C PHE A 30 -15.79 -10.37 -27.75
N PHE A 31 -16.42 -11.51 -27.97
CA PHE A 31 -16.87 -11.87 -29.31
C PHE A 31 -17.96 -10.93 -29.83
N ILE A 32 -18.91 -10.61 -28.99
CA ILE A 32 -19.95 -9.67 -29.34
C ILE A 32 -19.40 -8.29 -29.59
N ASP A 33 -18.49 -7.81 -28.75
CA ASP A 33 -17.99 -6.44 -28.94
C ASP A 33 -17.04 -6.27 -30.10
N TYR A 34 -16.25 -7.31 -30.36
CA TYR A 34 -15.12 -7.20 -31.28
C TYR A 34 -15.12 -8.19 -32.41
N GLY A 35 -15.89 -9.26 -32.33
CA GLY A 35 -15.89 -10.26 -33.39
C GLY A 35 -14.64 -11.12 -33.38
N VAL A 36 -13.89 -11.06 -32.29
CA VAL A 36 -12.69 -11.85 -32.20
C VAL A 36 -12.91 -12.87 -31.08
N ARG A 37 -12.38 -14.05 -31.32
CA ARG A 37 -12.54 -15.21 -30.46
C ARG A 37 -11.33 -15.35 -29.52
N LEU A 38 -11.57 -15.05 -28.25
CA LEU A 38 -10.57 -15.25 -27.18
C LEU A 38 -10.28 -16.73 -27.04
N PRO A 39 -9.05 -17.09 -26.65
CA PRO A 39 -8.82 -18.49 -26.31
C PRO A 39 -9.53 -18.80 -24.99
N GLU A 40 -9.39 -20.03 -24.50
CA GLU A 40 -10.01 -20.37 -23.22
C GLU A 40 -9.41 -19.49 -22.12
N VAL A 41 -10.24 -19.17 -21.15
CA VAL A 41 -9.86 -18.35 -20.04
C VAL A 41 -9.93 -19.28 -18.86
N LEU A 42 -8.78 -19.47 -18.20
CA LEU A 42 -8.69 -20.31 -17.03
C LEU A 42 -8.43 -19.46 -15.79
N LEU A 43 -9.15 -19.76 -14.71
CA LEU A 43 -8.88 -19.15 -13.43
C LEU A 43 -7.93 -20.07 -12.65
N ARG A 44 -7.01 -19.47 -11.88
CA ARG A 44 -6.10 -20.19 -10.96
C ARG A 44 -5.90 -19.38 -9.67
N ASP A 45 -5.74 -20.07 -8.55
CA ASP A 45 -5.50 -19.38 -7.29
C ASP A 45 -4.15 -18.73 -7.38
N GLY A 46 -4.09 -17.45 -7.04
CA GLY A 46 -2.82 -16.75 -6.94
C GLY A 46 -2.25 -16.79 -5.52
N GLU A 47 -1.12 -17.45 -5.38
CA GLU A 47 -0.45 -17.55 -4.08
C GLU A 47 -0.05 -16.16 -3.59
N GLY A 48 -0.47 -15.80 -2.39
CA GLY A 48 -0.10 -14.52 -1.79
C GLY A 48 -0.82 -13.34 -2.35
N LEU A 49 -1.73 -13.61 -3.29
CA LEU A 49 -2.48 -12.61 -3.97
C LEU A 49 -3.51 -12.03 -3.03
N ASP A 50 -3.38 -10.74 -2.76
CA ASP A 50 -4.34 -10.05 -1.92
C ASP A 50 -5.70 -10.03 -2.58
N ASP A 51 -6.69 -9.65 -1.79
CA ASP A 51 -8.02 -9.61 -2.27
C ASP A 51 -8.09 -8.44 -3.26
N ASN A 52 -9.06 -8.49 -4.14
CA ASN A 52 -9.28 -7.39 -5.06
C ASN A 52 -8.17 -7.19 -6.12
N SER A 53 -7.34 -8.23 -6.31
CA SER A 53 -6.23 -8.22 -7.26
C SER A 53 -6.37 -9.40 -8.19
N ILE A 54 -6.14 -9.18 -9.49
CA ILE A 54 -6.14 -10.22 -10.52
C ILE A 54 -4.89 -10.05 -11.41
N VAL A 55 -4.22 -11.16 -11.70
CA VAL A 55 -3.08 -11.13 -12.62
C VAL A 55 -3.43 -11.86 -13.93
N LEU A 56 -3.24 -11.18 -15.04
CA LEU A 56 -3.41 -11.77 -16.35
C LEU A 56 -2.09 -12.33 -16.86
N LEU A 57 -2.06 -13.63 -17.09
CA LEU A 57 -0.94 -14.28 -17.76
C LEU A 57 -1.36 -14.68 -19.16
N ILE A 58 -0.44 -14.46 -20.10
CA ILE A 58 -0.54 -15.09 -21.41
C ILE A 58 0.75 -15.80 -21.75
N ASN A 59 0.64 -17.07 -22.12
CA ASN A 59 1.79 -17.93 -22.33
C ASN A 59 2.72 -17.97 -21.11
N GLU A 60 2.12 -17.94 -19.92
CA GLU A 60 2.80 -17.94 -18.63
C GLU A 60 3.66 -16.70 -18.32
N ILE A 61 3.44 -15.63 -19.10
CA ILE A 61 4.08 -14.35 -18.87
C ILE A 61 3.07 -13.37 -18.30
N ARG A 62 3.44 -12.65 -17.24
CA ARG A 62 2.56 -11.65 -16.67
C ARG A 62 2.35 -10.52 -17.69
N VAL A 63 1.09 -10.18 -17.93
CA VAL A 63 0.73 -9.10 -18.86
C VAL A 63 0.34 -7.83 -18.07
N GLU A 64 -0.54 -8.00 -17.09
CA GLU A 64 -1.04 -6.86 -16.35
C GLU A 64 -1.64 -7.34 -15.05
N GLN A 65 -1.64 -6.47 -14.04
CA GLN A 65 -2.33 -6.74 -12.79
C GLN A 65 -3.48 -5.73 -12.61
N PHE A 66 -4.66 -6.23 -12.33
CA PHE A 66 -5.85 -5.38 -12.17
C PHE A 66 -6.23 -5.29 -10.69
N THR A 67 -6.80 -4.15 -10.32
CA THR A 67 -7.36 -3.95 -9.01
C THR A 67 -8.85 -3.77 -9.24
N VAL A 68 -9.61 -4.76 -8.81
CA VAL A 68 -11.04 -4.74 -9.00
C VAL A 68 -11.61 -5.06 -7.65
N TYR A 69 -12.52 -4.21 -7.15
CA TYR A 69 -13.11 -4.45 -5.85
C TYR A 69 -14.38 -5.27 -5.99
N PHE A 70 -14.22 -6.57 -5.72
CA PHE A 70 -15.28 -7.53 -5.95
C PHE A 70 -16.56 -7.19 -5.25
N ASP A 71 -16.50 -6.53 -4.10
CA ASP A 71 -17.75 -6.29 -3.41
C ASP A 71 -18.30 -4.90 -3.67
N LEU A 72 -17.62 -4.12 -4.50
CA LEU A 72 -18.01 -2.73 -4.74
C LEU A 72 -18.47 -2.55 -6.20
N MSE A 73 -18.84 -1.32 -6.52
CA MSE A 73 -19.26 -0.91 -7.86
C MSE A 73 -18.41 0.25 -8.32
O MSE A 73 -18.15 1.20 -7.56
CB MSE A 73 -20.72 -0.42 -7.87
CG MSE A 73 -21.69 -1.29 -7.16
SE MSE A 73 -22.21 -2.72 -8.33
CE MSE A 73 -23.04 -1.71 -9.79
N ARG A 74 -17.97 0.19 -9.56
CA ARG A 74 -17.24 1.33 -10.13
C ARG A 74 -18.20 2.45 -10.59
N VAL A 75 -17.89 3.68 -10.18
CA VAL A 75 -18.57 4.89 -10.66
C VAL A 75 -17.87 5.33 -11.94
N VAL A 76 -18.45 4.92 -13.06
CA VAL A 76 -17.85 5.11 -14.40
C VAL A 76 -17.67 6.58 -14.75
N ASN A 77 -18.70 7.40 -14.51
CA ASN A 77 -18.64 8.85 -14.76
C ASN A 77 -18.54 9.64 -13.45
N TYR A 78 -17.60 9.22 -12.60
CA TYR A 78 -17.38 9.83 -11.30
C TYR A 78 -17.12 11.33 -11.40
N SER A 79 -17.71 12.07 -10.49
CA SER A 79 -17.39 13.48 -10.28
C SER A 79 -17.34 13.72 -8.76
N ASP A 80 -16.67 14.80 -8.35
CA ASP A 80 -16.55 15.19 -6.94
C ASP A 80 -17.88 15.45 -6.23
N GLU A 81 -18.94 15.69 -6.97
CA GLU A 81 -20.24 15.91 -6.38
C GLU A 81 -20.70 14.68 -5.56
N VAL A 82 -20.24 13.50 -5.93
CA VAL A 82 -20.49 12.28 -5.14
C VAL A 82 -20.23 12.52 -3.64
N VAL A 83 -19.11 13.15 -3.35
CA VAL A 83 -18.75 13.43 -1.95
C VAL A 83 -19.74 14.35 -1.24
N SER A 84 -20.32 15.31 -1.98
CA SER A 84 -21.35 16.19 -1.43
C SER A 84 -22.60 15.43 -1.02
N PHE A 85 -22.78 14.24 -1.59
CA PHE A 85 -23.87 13.36 -1.21
C PHE A 85 -23.57 12.51 0.01
N GLY A 86 -22.40 12.70 0.60
CA GLY A 86 -22.00 11.94 1.76
C GLY A 86 -21.35 10.61 1.47
N ILE A 87 -20.86 10.43 0.25
CA ILE A 87 -20.30 9.15 -0.19
C ILE A 87 -18.83 9.37 -0.50
N ASN A 88 -17.95 8.67 0.21
CA ASN A 88 -16.51 8.81 0.02
C ASN A 88 -16.02 7.55 -0.67
N PRO A 89 -15.64 7.66 -1.93
CA PRO A 89 -15.22 6.48 -2.72
C PRO A 89 -13.91 5.85 -2.28
N THR A 90 -13.78 4.56 -2.57
CA THR A 90 -12.53 3.84 -2.56
C THR A 90 -11.85 4.18 -3.86
N ILE A 91 -10.63 4.67 -3.76
CA ILE A 91 -9.97 5.18 -4.93
C ILE A 91 -8.82 4.22 -5.23
N HIS A 92 -8.72 3.81 -6.48
CA HIS A 92 -7.53 3.12 -6.93
C HIS A 92 -6.83 3.97 -7.96
N GLN A 93 -5.51 4.01 -7.86
CA GLN A 93 -4.72 4.81 -8.79
C GLN A 93 -3.72 4.01 -9.56
N GLN A 94 -3.76 4.13 -10.89
CA GLN A 94 -2.88 3.37 -11.78
C GLN A 94 -2.35 4.39 -12.81
N GLY A 95 -1.11 4.83 -12.61
CA GLY A 95 -0.46 5.81 -13.48
C GLY A 95 -1.02 7.22 -13.30
N SER A 96 -1.65 7.72 -14.35
CA SER A 96 -2.32 9.02 -14.33
C SER A 96 -3.83 8.87 -14.07
N SER A 97 -4.32 7.64 -14.08
CA SER A 97 -5.74 7.35 -14.00
C SER A 97 -6.21 7.01 -12.58
N GLN A 98 -7.34 7.58 -12.19
CA GLN A 98 -8.02 7.20 -10.95
C GLN A 98 -9.32 6.50 -11.24
N TYR A 99 -9.60 5.51 -10.42
CA TYR A 99 -10.81 4.71 -10.49
C TYR A 99 -11.54 4.78 -9.12
N PHE A 100 -12.84 5.03 -9.19
CA PHE A 100 -13.68 5.34 -8.02
C PHE A 100 -14.72 4.29 -7.81
N TRP A 101 -14.73 3.76 -6.59
CA TRP A 101 -15.63 2.62 -6.24
C TRP A 101 -16.45 2.96 -5.02
N VAL A 102 -17.68 2.44 -4.99
CA VAL A 102 -18.61 2.63 -3.90
C VAL A 102 -19.31 1.34 -3.54
N THR A 103 -20.01 1.34 -2.41
CA THR A 103 -20.77 0.20 -1.96
C THR A 103 -22.01 0.00 -2.84
N HIS A 104 -22.55 -1.22 -2.83
CA HIS A 104 -23.77 -1.51 -3.55
C HIS A 104 -24.88 -0.51 -3.17
N GLU A 105 -25.02 -0.22 -1.87
CA GLU A 105 -26.08 0.70 -1.40
C GLU A 105 -25.84 2.14 -1.91
N GLU A 106 -24.58 2.57 -1.88
CA GLU A 106 -24.22 3.87 -2.40
C GLU A 106 -24.42 3.96 -3.91
N GLY A 107 -24.08 2.87 -4.61
CA GLY A 107 -24.26 2.74 -6.05
C GLY A 107 -25.73 3.00 -6.41
N GLU A 108 -26.64 2.39 -5.66
CA GLU A 108 -28.05 2.58 -5.97
C GLU A 108 -28.50 4.04 -5.80
N LYS A 109 -28.01 4.72 -4.78
CA LYS A 109 -28.27 6.15 -4.63
C LYS A 109 -27.70 6.92 -5.81
N LEU A 110 -26.43 6.72 -6.15
CA LEU A 110 -25.83 7.43 -7.28
C LEU A 110 -26.52 7.16 -8.62
N ARG A 111 -27.03 5.94 -8.84
CA ARG A 111 -27.78 5.67 -10.08
C ARG A 111 -29.02 6.55 -10.24
N GLU A 112 -29.58 7.00 -9.13
CA GLU A 112 -30.75 7.85 -9.20
C GLU A 112 -30.37 9.31 -9.42
N MSE A 113 -29.08 9.59 -9.48
CA MSE A 113 -28.62 10.97 -9.55
C MSE A 113 -27.68 11.15 -10.71
O MSE A 113 -26.83 12.01 -10.66
CB MSE A 113 -27.89 11.38 -8.28
CG MSE A 113 -28.28 10.64 -7.06
SE MSE A 113 -28.18 11.80 -5.53
CE MSE A 113 -29.78 12.87 -5.90
N GLY A 114 -27.83 10.30 -11.73
CA GLY A 114 -27.18 10.51 -13.03
C GLY A 114 -25.85 9.86 -13.22
N TYR A 115 -25.49 8.98 -12.30
CA TYR A 115 -24.26 8.24 -12.41
C TYR A 115 -24.49 6.87 -13.00
N VAL A 116 -23.44 6.40 -13.67
CA VAL A 116 -23.41 5.09 -14.25
C VAL A 116 -22.41 4.22 -13.51
N LEU A 117 -22.90 3.06 -13.10
CA LEU A 117 -22.16 2.12 -12.25
C LEU A 117 -21.90 0.79 -13.00
N ARG A 118 -20.75 0.18 -12.73
CA ARG A 118 -20.36 -1.09 -13.34
C ARG A 118 -20.02 -2.05 -12.21
N ASN A 119 -20.53 -3.26 -12.23
CA ASN A 119 -20.19 -4.17 -11.13
C ASN A 119 -18.78 -4.66 -11.39
N ALA A 120 -18.23 -5.37 -10.41
CA ALA A 120 -16.81 -5.74 -10.50
C ALA A 120 -16.50 -6.64 -11.69
N LEU A 121 -17.39 -7.57 -12.01
CA LEU A 121 -17.11 -8.53 -13.07
C LEU A 121 -17.13 -7.83 -14.42
N ASP A 122 -18.05 -6.88 -14.58
CA ASP A 122 -18.12 -6.10 -15.78
C ASP A 122 -16.87 -5.23 -15.89
N GLU A 123 -16.38 -4.74 -14.76
CA GLU A 123 -15.16 -3.89 -14.79
C GLU A 123 -13.93 -4.75 -15.09
N LEU A 124 -13.90 -5.96 -14.55
CA LEU A 124 -12.82 -6.89 -14.86
C LEU A 124 -12.76 -7.16 -16.36
N TYR A 125 -13.93 -7.43 -16.98
CA TYR A 125 -14.00 -7.58 -18.43
C TYR A 125 -13.47 -6.33 -19.13
N HIS A 126 -13.91 -5.18 -18.67
CA HIS A 126 -13.47 -3.90 -19.22
C HIS A 126 -11.93 -3.77 -19.14
N CYS A 127 -11.36 -4.12 -18.00
CA CYS A 127 -9.87 -4.03 -17.81
C CYS A 127 -9.13 -4.92 -18.83
N LEU A 128 -9.66 -6.12 -19.05
CA LEU A 128 -9.06 -7.06 -19.99
C LEU A 128 -9.12 -6.49 -21.40
N ALA A 129 -10.29 -6.03 -21.80
CA ALA A 129 -10.50 -5.46 -23.14
C ALA A 129 -9.63 -4.22 -23.40
N VAL A 130 -9.46 -3.39 -22.37
CA VAL A 130 -8.60 -2.23 -22.48
C VAL A 130 -7.13 -2.69 -22.68
N THR A 131 -6.70 -3.70 -21.93
CA THR A 131 -5.30 -4.20 -22.00
C THR A 131 -5.02 -4.81 -23.34
N LEU A 132 -5.99 -5.57 -23.82
CA LEU A 132 -5.90 -6.26 -25.09
C LEU A 132 -5.87 -5.17 -26.17
N ALA A 133 -6.76 -4.19 -26.12
CA ALA A 133 -6.77 -3.09 -27.08
C ALA A 133 -5.48 -2.23 -27.08
N ARG A 134 -4.95 -1.94 -25.90
CA ARG A 134 -3.71 -1.15 -25.82
C ARG A 134 -2.57 -1.89 -26.48
N ASN A 135 -2.50 -3.19 -26.24
CA ASN A 135 -1.41 -4.01 -26.82
C ASN A 135 -1.49 -4.11 -28.34
N VAL A 136 -2.70 -4.26 -28.86
CA VAL A 136 -2.92 -4.21 -30.30
C VAL A 136 -2.52 -2.84 -30.91
N ASN A 137 -2.91 -1.73 -30.30
CA ASN A 137 -2.51 -0.42 -30.80
C ASN A 137 -0.96 -0.27 -30.92
N GLU A 138 -0.27 -0.70 -29.88
CA GLU A 138 1.20 -0.59 -29.82
C GLU A 138 1.87 -1.51 -30.83
N TYR A 139 1.31 -2.69 -31.00
CA TYR A 139 1.77 -3.61 -32.05
C TYR A 139 1.68 -2.97 -33.43
N PHE A 140 0.54 -2.33 -33.73
CA PHE A 140 0.38 -1.62 -35.01
C PHE A 140 1.40 -0.47 -35.13
N GLY A 141 1.70 0.15 -33.99
CA GLY A 141 2.67 1.23 -33.93
C GLY A 141 4.06 0.77 -34.26
N ILE A 142 4.43 -0.40 -33.79
CA ILE A 142 5.72 -1.00 -34.08
C ILE A 142 5.81 -1.21 -35.60
N GLN A 143 4.72 -1.67 -36.20
CA GLN A 143 4.68 -1.91 -37.63
C GLN A 143 4.83 -0.60 -38.43
N GLU A 144 4.19 0.47 -37.96
CA GLU A 144 4.35 1.79 -38.59
C GLU A 144 5.81 2.26 -38.53
N THR A 145 6.45 2.05 -37.39
CA THR A 145 7.86 2.40 -37.26
C THR A 145 8.73 1.60 -38.21
N LYS A 146 8.45 0.31 -38.35
CA LYS A 146 9.22 -0.51 -39.29
C LYS A 146 9.04 0.04 -40.70
N HIS A 147 7.84 0.48 -41.03
CA HIS A 147 7.56 1.02 -42.35
C HIS A 147 8.33 2.34 -42.59
N MSE A 148 8.42 3.18 -41.56
CA MSE A 148 9.15 4.44 -41.71
C MSE A 148 10.64 4.21 -41.94
O MSE A 148 11.26 4.92 -42.74
CB MSE A 148 8.91 5.37 -40.53
CG MSE A 148 7.54 6.01 -40.49
SE MSE A 148 7.31 7.13 -38.87
CE MSE A 148 5.45 7.73 -39.18
N LEU A 149 11.23 3.23 -41.25
CA LEU A 149 12.64 2.89 -41.45
C LEU A 149 12.88 2.25 -42.81
N ASP A 150 11.83 1.66 -43.38
CA ASP A 150 11.85 1.19 -44.76
C ASP A 150 11.83 2.36 -45.76
N GLN A 151 10.98 3.36 -45.51
CA GLN A 151 10.79 4.48 -46.43
C GLN A 151 11.89 5.54 -46.30
N LEU A 152 12.64 5.49 -45.19
CA LEU A 152 13.62 6.53 -44.86
C LEU A 152 14.75 6.61 -45.89
N GLU A 153 14.90 7.79 -46.48
CA GLU A 153 15.96 8.00 -47.46
C GLU A 153 17.05 8.91 -46.93
N ALA A 154 16.78 9.63 -45.84
CA ALA A 154 17.80 10.47 -45.24
C ALA A 154 18.71 9.58 -44.42
N LYS A 155 20.01 9.87 -44.46
CA LYS A 155 20.98 9.20 -43.58
C LYS A 155 21.01 9.78 -42.16
N PHE A 156 21.68 9.08 -41.25
CA PHE A 156 21.57 9.40 -39.82
C PHE A 156 22.08 10.78 -39.42
N PRO A 157 23.26 11.19 -39.91
CA PRO A 157 23.70 12.53 -39.51
C PRO A 157 22.75 13.62 -39.98
N ASP A 158 22.27 13.48 -41.20
CA ASP A 158 21.41 14.46 -41.83
C ASP A 158 20.06 14.45 -41.15
N LEU A 159 19.56 13.25 -40.89
CA LEU A 159 18.33 13.09 -40.14
C LEU A 159 18.42 13.72 -38.74
N LEU A 160 19.52 13.48 -38.04
CA LEU A 160 19.62 13.98 -36.65
C LEU A 160 19.80 15.51 -36.64
N LYS A 161 20.42 16.07 -37.68
CA LYS A 161 20.61 17.51 -37.83
C LYS A 161 19.25 18.20 -37.94
N GLU A 162 18.39 17.65 -38.81
CA GLU A 162 17.01 18.14 -38.98
C GLU A 162 16.19 18.06 -37.69
N VAL A 163 16.34 16.98 -36.93
CA VAL A 163 15.54 16.85 -35.70
C VAL A 163 15.91 17.92 -34.64
N LEU A 164 17.19 18.21 -34.47
CA LEU A 164 17.62 19.17 -33.43
C LEU A 164 17.25 20.58 -33.83
N ARG A 165 17.28 20.84 -35.12
CA ARG A 165 16.80 22.10 -35.66
C ARG A 165 15.32 22.39 -35.28
N HIS A 166 14.46 21.37 -35.33
CA HIS A 166 13.02 21.55 -35.13
C HIS A 166 12.52 21.09 -33.76
N THR B 2 0.80 -1.83 37.04
CA THR B 2 0.88 -2.56 35.73
C THR B 2 0.27 -1.75 34.58
N VAL B 3 1.03 -1.56 33.52
CA VAL B 3 0.53 -0.87 32.36
C VAL B 3 -0.29 -1.82 31.51
N PRO B 4 -1.56 -1.47 31.21
CA PRO B 4 -2.38 -2.35 30.39
C PRO B 4 -2.05 -2.27 28.90
N LEU B 5 -0.91 -2.87 28.53
CA LEU B 5 -0.41 -2.83 27.19
C LEU B 5 -0.71 -4.15 26.46
N ILE B 6 -1.16 -4.03 25.23
CA ILE B 6 -1.30 -5.18 24.32
C ILE B 6 -0.66 -4.82 22.99
N LEU B 7 0.11 -5.76 22.43
CA LEU B 7 0.53 -5.69 21.03
C LEU B 7 -0.32 -6.63 20.18
N LEU B 8 -1.03 -6.03 19.22
CA LEU B 8 -1.69 -6.79 18.17
C LEU B 8 -0.66 -7.18 17.12
N VAL B 9 -0.54 -8.49 16.88
CA VAL B 9 0.46 -9.04 15.95
C VAL B 9 -0.20 -9.85 14.82
N PRO B 10 0.50 -10.02 13.68
CA PRO B 10 -0.11 -10.85 12.65
C PRO B 10 -0.19 -12.31 13.06
N LYS B 11 -1.30 -12.92 12.71
CA LYS B 11 -1.54 -14.31 13.05
C LYS B 11 -0.39 -15.16 12.54
N SER B 12 0.07 -14.87 11.33
CA SER B 12 1.13 -15.64 10.70
C SER B 12 2.47 -15.57 11.44
N ARG B 13 2.66 -14.59 12.34
CA ARG B 13 3.93 -14.36 13.05
C ARG B 13 3.90 -14.78 14.51
N ARG B 14 2.71 -14.97 15.04
CA ARG B 14 2.54 -15.16 16.47
C ARG B 14 3.39 -16.33 16.98
N GLU B 15 3.35 -17.46 16.29
CA GLU B 15 4.07 -18.61 16.80
C GLU B 15 5.56 -18.29 16.89
N ASP B 16 6.10 -17.64 15.87
CA ASP B 16 7.51 -17.31 15.87
C ASP B 16 7.87 -16.30 16.96
N LEU B 17 6.96 -15.37 17.23
CA LEU B 17 7.20 -14.33 18.25
C LEU B 17 7.23 -14.94 19.64
N GLU B 18 6.40 -15.96 19.83
CA GLU B 18 6.35 -16.65 21.10
C GLU B 18 7.56 -17.50 21.33
N LYS B 19 7.97 -18.22 20.29
CA LYS B 19 9.25 -18.93 20.30
C LYS B 19 10.46 -18.03 20.57
N ALA B 20 10.46 -16.82 20.00
CA ALA B 20 11.56 -15.89 20.22
C ALA B 20 11.45 -15.19 21.58
N GLN B 21 10.41 -15.52 22.36
CA GLN B 21 10.21 -14.99 23.69
C GLN B 21 10.03 -13.46 23.68
N LEU B 22 9.29 -12.94 22.69
CA LEU B 22 9.07 -11.49 22.63
C LEU B 22 8.46 -10.90 23.93
N ALA B 23 7.39 -11.50 24.43
CA ALA B 23 6.73 -10.97 25.65
C ALA B 23 7.70 -10.88 26.84
N GLU B 24 8.52 -11.93 27.02
CA GLU B 24 9.46 -11.96 28.10
C GLU B 24 10.53 -10.88 27.87
N ARG B 25 11.00 -10.71 26.63
CA ARG B 25 11.99 -9.64 26.35
C ARG B 25 11.41 -8.26 26.63
N MSE B 26 10.20 -8.06 26.20
CA MSE B 26 9.56 -6.75 26.40
C MSE B 26 9.34 -6.47 27.89
O MSE B 26 9.68 -5.41 28.36
CB MSE B 26 8.22 -6.65 25.68
CG MSE B 26 8.29 -6.92 24.19
SE MSE B 26 8.90 -5.42 23.10
CE MSE B 26 7.63 -5.74 21.63
N ARG B 27 8.78 -7.42 28.62
CA ARG B 27 8.49 -7.25 30.04
C ARG B 27 9.73 -6.93 30.84
N SER B 28 10.80 -7.69 30.62
CA SER B 28 12.08 -7.50 31.32
C SER B 28 12.73 -6.14 31.07
N GLN B 29 12.88 -5.81 29.80
CA GLN B 29 13.48 -4.52 29.46
C GLN B 29 12.63 -3.38 29.93
N PHE B 30 11.31 -3.49 29.79
CA PHE B 30 10.42 -2.40 30.17
C PHE B 30 10.49 -2.13 31.69
N PHE B 31 10.51 -3.20 32.47
CA PHE B 31 10.64 -3.06 33.90
C PHE B 31 11.97 -2.42 34.28
N ILE B 32 13.06 -2.90 33.69
CA ILE B 32 14.39 -2.33 33.99
C ILE B 32 14.39 -0.83 33.64
N ASP B 33 13.82 -0.52 32.47
CA ASP B 33 13.76 0.86 31.94
C ASP B 33 12.80 1.82 32.66
N TYR B 34 11.59 1.38 32.98
CA TYR B 34 10.56 2.30 33.50
C TYR B 34 10.11 2.02 34.90
N GLY B 35 10.50 0.86 35.42
CA GLY B 35 10.20 0.53 36.81
C GLY B 35 8.77 0.19 37.11
N VAL B 36 8.04 -0.16 36.06
CA VAL B 36 6.66 -0.57 36.13
C VAL B 36 6.45 -1.81 35.23
N ARG B 37 5.55 -2.69 35.67
CA ARG B 37 5.30 -3.95 34.97
C ARG B 37 4.39 -3.83 33.76
N LEU B 38 4.62 -4.75 32.85
CA LEU B 38 3.69 -5.08 31.79
C LEU B 38 3.05 -6.42 32.13
N PRO B 39 1.83 -6.65 31.62
CA PRO B 39 1.08 -7.86 31.93
C PRO B 39 1.70 -9.13 31.33
N GLU B 40 1.29 -10.28 31.83
CA GLU B 40 1.82 -11.54 31.32
C GLU B 40 1.30 -11.81 29.91
N VAL B 41 0.03 -11.54 29.68
CA VAL B 41 -0.53 -11.69 28.35
C VAL B 41 -0.34 -10.34 27.65
N LEU B 42 0.58 -10.32 26.71
CA LEU B 42 1.01 -9.08 26.07
C LEU B 42 0.70 -9.09 24.58
N LEU B 43 0.74 -10.28 23.95
CA LEU B 43 0.46 -10.42 22.53
C LEU B 43 -0.96 -10.89 22.29
N ARG B 44 -1.57 -10.37 21.21
CA ARG B 44 -2.88 -10.80 20.74
C ARG B 44 -2.87 -10.79 19.20
N ASP B 45 -3.48 -11.81 18.58
CA ASP B 45 -3.59 -11.81 17.12
C ASP B 45 -4.46 -10.65 16.66
N GLY B 46 -3.98 -9.91 15.66
CA GLY B 46 -4.75 -8.81 15.05
C GLY B 46 -5.46 -9.20 13.77
N GLU B 47 -6.79 -9.17 13.81
CA GLU B 47 -7.62 -9.47 12.64
C GLU B 47 -7.22 -8.60 11.43
N GLY B 48 -6.90 -9.26 10.33
CA GLY B 48 -6.60 -8.59 9.08
C GLY B 48 -5.29 -7.84 8.99
N LEU B 49 -4.46 -7.94 10.02
CA LEU B 49 -3.18 -7.24 10.04
C LEU B 49 -2.26 -7.82 8.96
N ASP B 50 -1.69 -6.94 8.18
CA ASP B 50 -0.67 -7.31 7.26
C ASP B 50 0.53 -7.88 8.05
N ASP B 51 1.45 -8.51 7.33
CA ASP B 51 2.53 -9.38 7.82
C ASP B 51 3.71 -8.78 8.67
N ASN B 52 3.88 -7.48 8.56
CA ASN B 52 4.98 -6.73 9.11
C ASN B 52 4.43 -5.50 9.84
N SER B 53 3.30 -5.69 10.49
CA SER B 53 2.60 -4.63 11.23
C SER B 53 2.30 -5.05 12.67
N ILE B 54 2.41 -4.08 13.58
CA ILE B 54 2.04 -4.27 14.99
C ILE B 54 1.21 -3.07 15.41
N VAL B 55 0.16 -3.33 16.19
CA VAL B 55 -0.61 -2.24 16.78
C VAL B 55 -0.44 -2.27 18.28
N LEU B 56 -0.04 -1.12 18.82
CA LEU B 56 0.08 -0.87 20.26
C LEU B 56 -1.28 -0.38 20.81
N LEU B 57 -1.83 -1.14 21.77
CA LEU B 57 -3.01 -0.73 22.54
C LEU B 57 -2.62 -0.53 23.98
N ILE B 58 -3.15 0.53 24.56
CA ILE B 58 -3.02 0.77 25.99
C ILE B 58 -4.44 0.97 26.50
N ASN B 59 -4.82 0.16 27.47
CA ASN B 59 -6.16 0.19 28.02
C ASN B 59 -7.17 -0.05 26.91
N GLU B 60 -6.82 -0.93 25.97
CA GLU B 60 -7.64 -1.24 24.76
C GLU B 60 -7.91 -0.10 23.76
N ILE B 61 -7.16 0.97 23.86
CA ILE B 61 -7.29 2.09 22.95
C ILE B 61 -6.04 2.09 22.02
N ARG B 62 -6.24 2.29 20.73
CA ARG B 62 -5.11 2.30 19.81
C ARG B 62 -4.19 3.47 20.09
N VAL B 63 -2.88 3.21 20.24
CA VAL B 63 -1.93 4.27 20.50
C VAL B 63 -1.10 4.58 19.24
N GLU B 64 -0.55 3.54 18.63
CA GLU B 64 0.28 3.69 17.44
C GLU B 64 0.27 2.38 16.65
N GLN B 65 0.52 2.47 15.35
CA GLN B 65 0.83 1.29 14.53
C GLN B 65 2.26 1.32 14.02
N PHE B 66 2.98 0.22 14.16
CA PHE B 66 4.37 0.18 13.76
C PHE B 66 4.50 -0.72 12.51
N THR B 67 5.46 -0.38 11.66
CA THR B 67 5.92 -1.27 10.61
C THR B 67 7.28 -1.78 11.02
N VAL B 68 7.32 -3.07 11.30
CA VAL B 68 8.50 -3.80 11.72
C VAL B 68 8.65 -4.98 10.77
N TYR B 69 9.80 -5.06 10.08
CA TYR B 69 10.02 -6.12 9.10
C TYR B 69 10.66 -7.27 9.80
N PHE B 70 9.83 -8.21 10.23
CA PHE B 70 10.29 -9.26 11.14
C PHE B 70 11.45 -10.11 10.61
N ASP B 71 11.56 -10.25 9.30
CA ASP B 71 12.65 -11.04 8.68
C ASP B 71 13.91 -10.23 8.37
N LEU B 72 13.82 -8.91 8.54
CA LEU B 72 14.90 -8.00 8.17
C LEU B 72 15.55 -7.32 9.38
N MSE B 73 16.60 -6.54 9.10
CA MSE B 73 17.26 -5.70 10.06
C MSE B 73 17.20 -4.23 9.68
O MSE B 73 17.43 -3.84 8.51
CB MSE B 73 18.76 -6.04 10.11
CG MSE B 73 19.07 -7.50 10.11
SE MSE B 73 19.01 -8.22 11.83
CE MSE B 73 20.61 -7.43 12.59
N ARG B 74 17.01 -3.40 10.68
CA ARG B 74 17.02 -1.95 10.42
C ARG B 74 18.43 -1.39 10.41
N VAL B 75 18.78 -0.63 9.37
CA VAL B 75 20.05 0.06 9.31
C VAL B 75 19.83 1.39 10.03
N VAL B 76 20.27 1.46 11.28
CA VAL B 76 19.99 2.58 12.19
C VAL B 76 20.65 3.89 11.69
N ASN B 77 21.88 3.78 11.17
CA ASN B 77 22.65 4.94 10.66
C ASN B 77 22.79 4.84 9.13
N TYR B 78 21.64 4.61 8.49
CA TYR B 78 21.56 4.40 7.05
C TYR B 78 22.13 5.60 6.31
N SER B 79 22.81 5.35 5.20
CA SER B 79 23.26 6.41 4.28
C SER B 79 23.09 5.81 2.89
N ASP B 80 22.94 6.66 1.86
CA ASP B 80 22.78 6.18 0.47
C ASP B 80 23.97 5.36 -0.04
N GLU B 81 25.10 5.39 0.65
CA GLU B 81 26.25 4.63 0.18
C GLU B 81 25.91 3.13 0.20
N VAL B 82 24.92 2.73 1.00
CA VAL B 82 24.46 1.34 0.99
C VAL B 82 24.14 0.86 -0.42
N VAL B 83 23.45 1.71 -1.19
CA VAL B 83 23.03 1.35 -2.55
C VAL B 83 24.24 1.13 -3.48
N SER B 84 25.31 1.90 -3.29
CA SER B 84 26.56 1.71 -4.01
C SER B 84 27.19 0.35 -3.74
N PHE B 85 26.87 -0.27 -2.61
CA PHE B 85 27.41 -1.57 -2.27
C PHE B 85 26.58 -2.72 -2.87
N GLY B 86 25.54 -2.39 -3.61
CA GLY B 86 24.72 -3.43 -4.24
C GLY B 86 23.53 -3.85 -3.37
N ILE B 87 23.20 -3.05 -2.37
CA ILE B 87 22.11 -3.36 -1.45
C ILE B 87 20.99 -2.31 -1.57
N ASN B 88 19.81 -2.77 -1.93
CA ASN B 88 18.68 -1.87 -2.07
C ASN B 88 17.74 -2.11 -0.90
N PRO B 89 17.65 -1.15 0.01
CA PRO B 89 16.87 -1.38 1.23
C PRO B 89 15.36 -1.37 1.01
N THR B 90 14.68 -2.06 1.93
CA THR B 90 13.23 -1.94 2.08
C THR B 90 13.00 -0.65 2.87
N ILE B 91 12.17 0.24 2.32
CA ILE B 91 11.95 1.58 2.90
C ILE B 91 10.51 1.66 3.44
N HIS B 92 10.36 2.02 4.70
CA HIS B 92 9.07 2.37 5.25
C HIS B 92 9.10 3.86 5.48
N GLN B 93 8.06 4.57 5.10
CA GLN B 93 8.03 5.94 5.54
C GLN B 93 6.76 6.30 6.26
N GLN B 94 6.93 7.20 7.22
CA GLN B 94 5.84 7.84 7.93
C GLN B 94 6.17 9.30 7.73
N GLY B 95 5.36 10.03 6.95
CA GLY B 95 5.63 11.43 6.66
C GLY B 95 6.76 12.00 7.52
N SER B 96 7.71 12.68 6.84
CA SER B 96 8.88 13.28 7.53
C SER B 96 9.80 12.28 8.29
N SER B 97 9.82 11.04 7.84
CA SER B 97 10.67 10.02 8.49
C SER B 97 10.69 8.73 7.70
N GLN B 98 11.87 8.34 7.24
CA GLN B 98 12.05 7.08 6.51
C GLN B 98 12.86 6.10 7.34
N TYR B 99 12.58 4.82 7.13
CA TYR B 99 13.22 3.73 7.84
C TYR B 99 13.71 2.70 6.85
N PHE B 100 14.93 2.22 7.05
CA PHE B 100 15.61 1.45 6.02
C PHE B 100 16.00 0.09 6.55
N TRP B 101 15.53 -0.95 5.86
CA TRP B 101 15.72 -2.34 6.29
C TRP B 101 16.42 -3.14 5.19
N VAL B 102 17.20 -4.14 5.64
CA VAL B 102 17.94 -5.01 4.77
C VAL B 102 17.86 -6.45 5.31
N THR B 103 18.28 -7.39 4.48
CA THR B 103 18.28 -8.84 4.84
C THR B 103 19.36 -9.10 5.89
N HIS B 104 19.26 -10.22 6.60
CA HIS B 104 20.30 -10.57 7.57
C HIS B 104 21.68 -10.65 6.88
N GLU B 105 21.77 -11.31 5.73
CA GLU B 105 23.05 -11.42 4.99
C GLU B 105 23.61 -10.03 4.63
N GLU B 106 22.75 -9.15 4.13
CA GLU B 106 23.17 -7.79 3.82
C GLU B 106 23.62 -7.04 5.07
N GLY B 107 22.92 -7.24 6.20
CA GLY B 107 23.27 -6.57 7.47
C GLY B 107 24.68 -6.93 7.93
N GLU B 108 25.00 -8.21 7.89
CA GLU B 108 26.34 -8.65 8.22
C GLU B 108 27.37 -7.96 7.37
N LYS B 109 27.11 -7.80 6.09
CA LYS B 109 28.04 -7.08 5.25
C LYS B 109 28.14 -5.61 5.68
N LEU B 110 27.02 -4.98 5.96
CA LEU B 110 27.03 -3.55 6.30
C LEU B 110 27.70 -3.30 7.66
N ARG B 111 27.58 -4.27 8.57
CA ARG B 111 28.22 -4.18 9.87
C ARG B 111 29.75 -4.16 9.78
N GLU B 112 30.32 -4.66 8.67
CA GLU B 112 31.76 -4.55 8.45
C GLU B 112 32.17 -3.19 7.93
N MSE B 113 31.20 -2.38 7.56
CA MSE B 113 31.45 -1.12 6.88
C MSE B 113 30.94 0.08 7.64
O MSE B 113 30.71 1.13 7.03
CB MSE B 113 30.80 -1.17 5.50
CG MSE B 113 30.96 -2.48 4.83
SE MSE B 113 30.81 -2.30 2.90
CE MSE B 113 28.94 -2.84 2.71
N GLY B 114 30.78 -0.09 8.96
CA GLY B 114 30.52 1.00 9.90
C GLY B 114 29.06 1.29 10.12
N TYR B 115 28.18 0.38 9.66
CA TYR B 115 26.74 0.55 9.93
C TYR B 115 26.34 -0.17 11.21
N VAL B 116 25.33 0.40 11.85
CA VAL B 116 24.73 -0.13 13.07
C VAL B 116 23.38 -0.70 12.68
N LEU B 117 23.16 -1.95 13.07
CA LEU B 117 21.93 -2.66 12.67
C LEU B 117 21.15 -3.11 13.88
N ARG B 118 19.84 -3.04 13.81
CA ARG B 118 19.00 -3.50 14.89
C ARG B 118 18.09 -4.61 14.39
N ASN B 119 17.98 -5.74 15.10
CA ASN B 119 17.06 -6.76 14.65
C ASN B 119 15.64 -6.28 14.86
N ALA B 120 14.69 -6.99 14.23
CA ALA B 120 13.29 -6.57 14.24
C ALA B 120 12.66 -6.46 15.62
N LEU B 121 12.95 -7.42 16.51
CA LEU B 121 12.35 -7.32 17.86
C LEU B 121 12.97 -6.22 18.72
N ASP B 122 14.25 -5.94 18.52
CA ASP B 122 14.88 -4.84 19.19
C ASP B 122 14.33 -3.53 18.61
N GLU B 123 14.12 -3.50 17.28
CA GLU B 123 13.48 -2.33 16.69
C GLU B 123 12.06 -2.11 17.26
N LEU B 124 11.26 -3.17 17.41
CA LEU B 124 9.90 -3.05 18.00
C LEU B 124 9.94 -2.44 19.40
N TYR B 125 10.90 -2.90 20.21
CA TYR B 125 11.06 -2.33 21.53
C TYR B 125 11.43 -0.86 21.43
N HIS B 126 12.37 -0.56 20.54
CA HIS B 126 12.71 0.81 20.32
C HIS B 126 11.46 1.64 19.96
N CYS B 127 10.61 1.11 19.08
CA CYS B 127 9.40 1.87 18.65
C CYS B 127 8.48 2.21 19.83
N LEU B 128 8.30 1.24 20.73
CA LEU B 128 7.54 1.45 21.94
C LEU B 128 8.15 2.54 22.82
N ALA B 129 9.45 2.46 23.05
CA ALA B 129 10.14 3.42 23.87
C ALA B 129 10.06 4.83 23.24
N VAL B 130 10.12 4.90 21.93
CA VAL B 130 10.03 6.22 21.26
C VAL B 130 8.63 6.82 21.45
N THR B 131 7.63 5.97 21.32
CA THR B 131 6.23 6.38 21.40
C THR B 131 5.96 6.88 22.82
N LEU B 132 6.49 6.19 23.82
CA LEU B 132 6.32 6.63 25.22
C LEU B 132 7.06 7.91 25.54
N ALA B 133 8.29 8.06 25.03
CA ALA B 133 9.03 9.29 25.18
C ALA B 133 8.31 10.49 24.55
N ARG B 134 7.77 10.31 23.34
CA ARG B 134 7.06 11.40 22.67
C ARG B 134 5.83 11.80 23.50
N ASN B 135 5.09 10.81 23.93
CA ASN B 135 3.93 11.05 24.79
C ASN B 135 4.22 11.73 26.13
N VAL B 136 5.28 11.33 26.80
CA VAL B 136 5.68 11.98 28.01
C VAL B 136 6.07 13.43 27.76
N ASN B 137 6.83 13.69 26.69
CA ASN B 137 7.21 15.05 26.38
C ASN B 137 5.96 15.92 26.10
N GLU B 138 5.01 15.35 25.36
CA GLU B 138 3.76 16.06 25.03
C GLU B 138 2.98 16.38 26.31
N TYR B 139 2.88 15.38 27.19
CA TYR B 139 2.27 15.59 28.48
C TYR B 139 2.85 16.71 29.34
N PHE B 140 4.18 16.78 29.46
CA PHE B 140 4.81 17.86 30.19
C PHE B 140 4.55 19.20 29.50
N GLY B 141 4.52 19.18 28.17
CA GLY B 141 4.11 20.35 27.35
C GLY B 141 2.74 20.92 27.75
N ILE B 142 1.78 20.02 27.84
CA ILE B 142 0.42 20.37 28.30
C ILE B 142 0.43 20.97 29.71
N GLN B 143 1.20 20.37 30.63
CA GLN B 143 1.35 20.93 31.98
C GLN B 143 1.99 22.32 32.00
N GLU B 144 3.02 22.53 31.17
CA GLU B 144 3.57 23.88 31.00
C GLU B 144 2.54 24.89 30.52
N THR B 145 1.76 24.51 29.51
CA THR B 145 0.72 25.38 28.97
C THR B 145 -0.26 25.76 30.07
N LYS B 146 -0.68 24.80 30.85
CA LYS B 146 -1.57 25.06 32.00
C LYS B 146 -0.96 26.06 32.98
N HIS B 147 0.33 25.89 33.27
CA HIS B 147 1.05 26.79 34.16
C HIS B 147 1.10 28.21 33.55
N MSE B 148 1.30 28.29 32.25
CA MSE B 148 1.32 29.59 31.58
C MSE B 148 -0.05 30.29 31.70
O MSE B 148 -0.14 31.47 31.97
CB MSE B 148 1.69 29.42 30.11
CG MSE B 148 3.12 29.07 29.86
SE MSE B 148 3.37 28.61 27.93
CE MSE B 148 1.52 28.18 27.37
N LEU B 149 -1.12 29.54 31.47
CA LEU B 149 -2.47 30.13 31.60
C LEU B 149 -2.67 30.67 33.02
N ASP B 150 -2.13 29.95 33.99
CA ASP B 150 -2.18 30.39 35.39
C ASP B 150 -1.40 31.67 35.70
N GLN B 151 -0.21 31.80 35.12
CA GLN B 151 0.58 33.02 35.27
C GLN B 151 0.09 34.16 34.40
N LEU B 152 -0.72 33.88 33.37
CA LEU B 152 -1.06 34.91 32.38
C LEU B 152 -1.71 36.12 33.03
N GLU B 153 -1.15 37.31 32.87
CA GLU B 153 -1.83 38.53 33.36
C GLU B 153 -2.58 39.28 32.27
N ALA B 154 -2.19 39.08 31.02
CA ALA B 154 -2.80 39.83 29.92
C ALA B 154 -4.18 39.27 29.59
N LYS B 155 -5.11 40.15 29.27
CA LYS B 155 -6.40 39.73 28.69
C LYS B 155 -6.23 39.13 27.27
N PHE B 156 -7.10 38.20 26.94
CA PHE B 156 -7.02 37.51 25.67
C PHE B 156 -7.00 38.44 24.44
N PRO B 157 -7.82 39.50 24.42
CA PRO B 157 -7.73 40.35 23.23
C PRO B 157 -6.35 41.02 23.06
N ASP B 158 -5.76 41.47 24.16
CA ASP B 158 -4.43 42.10 24.17
C ASP B 158 -3.33 41.11 23.81
N LEU B 159 -3.43 39.92 24.38
CA LEU B 159 -2.55 38.80 24.02
C LEU B 159 -2.59 38.49 22.51
N LEU B 160 -3.80 38.29 21.98
CA LEU B 160 -3.97 37.94 20.59
C LEU B 160 -3.43 39.02 19.66
N LYS B 161 -3.67 40.28 20.02
CA LYS B 161 -3.10 41.40 19.28
C LYS B 161 -1.57 41.41 19.24
N GLU B 162 -0.94 41.16 20.36
CA GLU B 162 0.51 41.09 20.42
C GLU B 162 1.06 39.94 19.61
N VAL B 163 0.37 38.80 19.65
CA VAL B 163 0.82 37.64 18.88
C VAL B 163 0.80 37.95 17.37
N LEU B 164 -0.27 38.60 16.93
CA LEU B 164 -0.42 39.01 15.54
C LEU B 164 0.62 40.08 15.15
N ARG B 165 0.92 40.97 16.08
CA ARG B 165 1.94 41.98 15.83
C ARG B 165 3.29 41.37 15.53
N HIS B 166 3.62 40.29 16.24
CA HIS B 166 4.95 39.72 16.18
C HIS B 166 5.08 38.50 15.29
N ALA B 167 3.98 38.04 14.72
CA ALA B 167 4.06 36.81 13.91
C ALA B 167 4.66 36.98 12.52
N THR B 168 5.45 35.97 12.11
CA THR B 168 5.93 35.74 10.76
C THR B 168 7.40 35.60 10.59
#